data_9EF0
#
_entry.id   9EF0
#
_cell.length_a   1.00
_cell.length_b   1.00
_cell.length_c   1.00
_cell.angle_alpha   90.00
_cell.angle_beta   90.00
_cell.angle_gamma   90.00
#
_symmetry.space_group_name_H-M   'P 1'
#
loop_
_entity.id
_entity.type
_entity.pdbx_description
1 polymer 'NADPH--cytochrome P450 reductase'
2 non-polymer 'FLAVIN MONONUCLEOTIDE'
3 non-polymer 'FLAVIN-ADENINE DINUCLEOTIDE'
#
_entity_poly.entity_id   1
_entity_poly.type   'polypeptide(L)'
_entity_poly.pdbx_seq_one_letter_code
;MGDSHEDTSATMPEAVAEEVSLFSTTDMVLFSLIVGVLTYWFIFRKKKEEIPEFSKIQTTAPPVKESSFVEKMKKTGRNI
IVFYGSQTGTAEEFANRLSKDAHRYGMRGMSADPEEYDLADLSSLPEIDKSLVVFCMATYGEGDPTDNAQDFYDWLQETD
VDLTGVKFAVFGLGNKTYEHFNAMGKYVDQRLEQLGAQRIFELGLGDDDGNLEEDFITWREQFWPAVCEFFGVEATGEES
SIRQYELVVHEDMDVAKVYTGEMGRLKSYENQKPPFDAKNPFLAAVTANRKLNQGTERHLMHLELDISDSKIRYESGDHV
AVYPANDSALVNQIGEILGADLDVIMSLNNLDEESNKKHPFPCPTTYRTALTYYLDITNPPRTNVLYELAQYASEPSEQE
HLHKMASSSGEGKELYLSWVVEARRHILAILQDYPSLRPPIDHLCELLPRLQARYYSIASSSKVHPNSVHICAVAVEYEA
KSGRVNKGVATSWLRAKEPAGENGGRALVPMFVRKSQFRLPFKSTTPVIMVGPGTGIAPFMGFIQERAWLREQGKEVGET
LLYYGCRRSDEDYLYREELARFHKDGALTQLNVAFSREQAHKVYVQHLLKRDREHLWKLIHEGGAHIYVCGDARNMAKDV
QNTFYDIVAEFGPMEHTQAVDYVKKLMTKGRYSLDVWS
;
_entity_poly.pdbx_strand_id   A
#
# COMPACT_ATOMS: atom_id res chain seq x y z
N GLU A 66 -8.92 29.68 -11.40
CA GLU A 66 -7.80 28.73 -11.40
C GLU A 66 -8.08 27.55 -10.49
N SER A 67 -8.60 27.84 -9.29
CA SER A 67 -8.92 26.79 -8.34
C SER A 67 -10.01 25.86 -8.89
N SER A 68 -11.04 26.43 -9.50
CA SER A 68 -12.10 25.63 -10.09
C SER A 68 -11.60 24.98 -11.38
N PHE A 69 -12.02 23.73 -11.61
CA PHE A 69 -11.53 22.96 -12.73
C PHE A 69 -12.47 22.92 -13.92
N VAL A 70 -13.72 23.38 -13.78
CA VAL A 70 -14.57 23.51 -14.96
C VAL A 70 -14.06 24.61 -15.87
N GLU A 71 -13.53 25.69 -15.29
CA GLU A 71 -12.87 26.71 -16.10
C GLU A 71 -11.66 26.13 -16.83
N LYS A 72 -10.92 25.24 -16.16
CA LYS A 72 -9.81 24.57 -16.81
C LYS A 72 -10.28 23.67 -17.95
N MET A 73 -11.44 23.02 -17.78
CA MET A 73 -12.07 22.32 -18.90
C MET A 73 -12.35 23.28 -20.05
N LYS A 74 -12.91 24.45 -19.74
CA LYS A 74 -13.26 25.40 -20.78
C LYS A 74 -12.03 25.86 -21.55
N LYS A 75 -10.93 26.15 -20.84
CA LYS A 75 -9.73 26.59 -21.52
C LYS A 75 -9.06 25.45 -22.30
N THR A 76 -8.97 24.27 -21.70
CA THR A 76 -8.33 23.14 -22.36
C THR A 76 -9.23 22.44 -23.36
N GLY A 77 -10.54 22.69 -23.33
CA GLY A 77 -11.44 22.05 -24.26
C GLY A 77 -11.66 20.58 -24.01
N ARG A 78 -11.42 20.09 -22.80
CA ARG A 78 -11.62 18.69 -22.45
C ARG A 78 -12.98 18.50 -21.81
N ASN A 79 -13.49 17.26 -21.91
CA ASN A 79 -14.85 16.96 -21.50
C ASN A 79 -14.99 15.79 -20.53
N ILE A 80 -14.08 14.82 -20.55
CA ILE A 80 -14.20 13.62 -19.71
C ILE A 80 -13.18 13.71 -18.59
N ILE A 81 -13.64 13.46 -17.36
CA ILE A 81 -12.79 13.47 -16.18
C ILE A 81 -12.87 12.13 -15.49
N VAL A 82 -11.72 11.61 -15.08
CA VAL A 82 -11.65 10.39 -14.28
C VAL A 82 -11.01 10.75 -12.95
N PHE A 83 -11.78 10.69 -11.88
CA PHE A 83 -11.28 10.97 -10.54
C PHE A 83 -10.67 9.70 -9.95
N TYR A 84 -9.67 9.89 -9.09
CA TYR A 84 -9.03 8.78 -8.38
C TYR A 84 -8.93 9.11 -6.90
N GLY A 85 -9.18 8.10 -6.07
CA GLY A 85 -9.02 8.22 -4.64
C GLY A 85 -7.87 7.36 -4.13
N SER A 86 -6.76 7.37 -4.87
CA SER A 86 -5.67 6.45 -4.60
C SER A 86 -4.85 6.89 -3.39
N GLN A 87 -4.20 5.91 -2.77
CA GLN A 87 -3.20 6.17 -1.74
C GLN A 87 -1.92 5.40 -2.07
N THR A 88 -2.06 4.21 -2.65
CA THR A 88 -0.92 3.39 -3.04
C THR A 88 -0.66 3.43 -4.54
N GLY A 89 -1.38 4.25 -5.30
CA GLY A 89 -1.05 4.55 -6.68
C GLY A 89 -1.87 3.83 -7.73
N THR A 90 -2.57 2.74 -7.37
CA THR A 90 -3.28 1.97 -8.39
C THR A 90 -4.43 2.76 -9.00
N ALA A 91 -5.21 3.45 -8.18
CA ALA A 91 -6.34 4.23 -8.71
C ALA A 91 -5.85 5.39 -9.56
N GLU A 92 -4.74 6.01 -9.16
CA GLU A 92 -4.18 7.09 -9.96
C GLU A 92 -3.77 6.60 -11.34
N GLU A 93 -3.11 5.44 -11.39
CA GLU A 93 -2.73 4.88 -12.68
C GLU A 93 -3.94 4.48 -13.51
N PHE A 94 -4.98 3.94 -12.86
CA PHE A 94 -6.20 3.58 -13.59
C PHE A 94 -6.88 4.81 -14.18
N ALA A 95 -6.97 5.89 -13.40
CA ALA A 95 -7.56 7.12 -13.91
C ALA A 95 -6.73 7.71 -15.04
N ASN A 96 -5.41 7.68 -14.92
CA ASN A 96 -4.55 8.18 -15.99
C ASN A 96 -4.73 7.35 -17.26
N ARG A 97 -4.83 6.02 -17.10
CA ARG A 97 -5.05 5.17 -18.26
C ARG A 97 -6.39 5.46 -18.92
N LEU A 98 -7.44 5.67 -18.13
CA LEU A 98 -8.74 5.99 -18.71
C LEU A 98 -8.71 7.33 -19.45
N SER A 99 -8.07 8.33 -18.86
CA SER A 99 -7.96 9.63 -19.51
C SER A 99 -7.18 9.53 -20.82
N LYS A 100 -6.10 8.74 -20.83
CA LYS A 100 -5.35 8.53 -22.06
C LYS A 100 -6.19 7.80 -23.10
N ASP A 101 -6.95 6.78 -22.67
CA ASP A 101 -7.77 6.01 -23.59
C ASP A 101 -8.92 6.82 -24.15
N ALA A 102 -9.34 7.88 -23.46
CA ALA A 102 -10.40 8.74 -23.98
C ALA A 102 -10.06 9.35 -25.33
N HIS A 103 -8.77 9.49 -25.64
CA HIS A 103 -8.37 10.03 -26.94
C HIS A 103 -8.69 9.08 -28.08
N ARG A 104 -8.71 7.77 -27.81
CA ARG A 104 -8.94 6.79 -28.86
C ARG A 104 -10.36 6.84 -29.43
N TYR A 105 -11.29 7.47 -28.73
CA TYR A 105 -12.68 7.55 -29.15
C TYR A 105 -13.10 8.97 -29.51
N GLY A 106 -12.16 9.78 -29.99
CA GLY A 106 -12.49 11.11 -30.45
C GLY A 106 -12.74 12.13 -29.36
N MET A 107 -12.52 11.78 -28.11
CA MET A 107 -12.75 12.69 -26.99
C MET A 107 -11.42 13.04 -26.34
N ARG A 108 -11.45 14.05 -25.47
CA ARG A 108 -10.25 14.51 -24.79
C ARG A 108 -10.57 14.82 -23.34
N GLY A 109 -9.69 14.38 -22.45
CA GLY A 109 -9.87 14.62 -21.02
C GLY A 109 -8.64 14.22 -20.26
N MET A 110 -8.63 14.59 -18.98
CA MET A 110 -7.50 14.29 -18.10
C MET A 110 -8.02 13.84 -16.75
N SER A 111 -7.17 13.11 -16.03
CA SER A 111 -7.49 12.66 -14.68
C SER A 111 -6.97 13.66 -13.66
N ALA A 112 -7.85 14.08 -12.75
CA ALA A 112 -7.53 15.12 -11.78
C ALA A 112 -7.78 14.60 -10.37
N ASP A 113 -6.87 14.94 -9.46
CA ASP A 113 -7.03 14.55 -8.07
C ASP A 113 -8.12 15.38 -7.41
N PRO A 114 -9.03 14.76 -6.66
CA PRO A 114 -10.18 15.48 -6.11
C PRO A 114 -9.87 16.33 -4.89
N GLU A 115 -8.65 16.27 -4.34
CA GLU A 115 -8.37 17.01 -3.12
C GLU A 115 -8.28 18.51 -3.37
N GLU A 116 -7.58 18.92 -4.44
CA GLU A 116 -7.38 20.34 -4.69
C GLU A 116 -8.56 21.00 -5.41
N TYR A 117 -9.54 20.23 -5.86
CA TYR A 117 -10.71 20.77 -6.54
C TYR A 117 -11.95 20.44 -5.74
N ASP A 118 -12.77 21.46 -5.48
CA ASP A 118 -14.07 21.22 -4.86
C ASP A 118 -14.99 20.50 -5.84
N LEU A 119 -15.97 19.79 -5.29
CA LEU A 119 -16.88 19.00 -6.10
C LEU A 119 -18.17 19.74 -6.43
N ALA A 120 -18.30 20.99 -6.00
CA ALA A 120 -19.46 21.80 -6.38
C ALA A 120 -19.46 22.14 -7.86
N ASP A 121 -18.36 21.91 -8.57
CA ASP A 121 -18.28 22.18 -9.99
C ASP A 121 -19.00 21.14 -10.84
N LEU A 122 -19.51 20.06 -10.22
CA LEU A 122 -20.35 19.12 -10.96
C LEU A 122 -21.62 19.78 -11.46
N SER A 123 -22.04 20.89 -10.84
CA SER A 123 -23.18 21.64 -11.34
C SER A 123 -22.85 22.33 -12.66
N SER A 124 -21.64 22.86 -12.80
CA SER A 124 -21.20 23.47 -14.04
C SER A 124 -20.69 22.45 -15.05
N LEU A 125 -20.46 21.21 -14.63
CA LEU A 125 -19.99 20.18 -15.55
C LEU A 125 -20.92 19.98 -16.75
N PRO A 126 -22.24 19.93 -16.61
CA PRO A 126 -23.09 19.75 -17.81
C PRO A 126 -22.98 20.89 -18.82
N GLU A 127 -22.47 22.06 -18.43
CA GLU A 127 -22.31 23.16 -19.37
C GLU A 127 -21.35 22.82 -20.50
N ILE A 128 -20.53 21.80 -20.35
CA ILE A 128 -19.66 21.32 -21.41
C ILE A 128 -20.43 20.29 -22.23
N ASP A 129 -20.52 20.52 -23.54
CA ASP A 129 -21.21 19.58 -24.41
C ASP A 129 -20.43 18.29 -24.54
N LYS A 130 -21.17 17.18 -24.64
CA LYS A 130 -20.58 15.85 -24.81
C LYS A 130 -19.62 15.53 -23.66
N SER A 131 -20.03 15.85 -22.44
CA SER A 131 -19.19 15.72 -21.26
C SER A 131 -19.51 14.43 -20.49
N LEU A 132 -18.60 14.07 -19.60
CA LEU A 132 -18.73 12.87 -18.77
C LEU A 132 -17.75 12.99 -17.62
N VAL A 133 -18.07 12.31 -16.51
CA VAL A 133 -17.18 12.21 -15.37
C VAL A 133 -17.14 10.76 -14.91
N VAL A 134 -15.96 10.31 -14.51
CA VAL A 134 -15.74 8.93 -14.09
C VAL A 134 -15.05 8.95 -12.73
N PHE A 135 -15.44 8.03 -11.85
CA PHE A 135 -14.88 7.93 -10.51
C PHE A 135 -14.24 6.57 -10.31
N CYS A 136 -12.98 6.56 -9.88
CA CYS A 136 -12.23 5.34 -9.58
C CYS A 136 -11.71 5.48 -8.16
N MET A 137 -12.47 4.98 -7.19
CA MET A 137 -12.18 5.19 -5.78
C MET A 137 -12.01 3.87 -5.05
N ALA A 138 -11.16 3.89 -4.02
CA ALA A 138 -10.92 2.77 -3.13
C ALA A 138 -11.33 3.18 -1.71
N THR A 139 -11.02 2.32 -0.74
CA THR A 139 -11.34 2.59 0.65
C THR A 139 -10.41 1.81 1.56
N TYR A 140 -10.35 2.24 2.83
CA TYR A 140 -9.52 1.59 3.83
C TYR A 140 -10.29 1.48 5.14
N GLY A 141 -9.81 0.60 6.01
CA GLY A 141 -10.38 0.46 7.34
C GLY A 141 -11.76 -0.17 7.29
N GLU A 142 -12.70 0.41 8.02
CA GLU A 142 -14.09 -0.03 8.01
C GLU A 142 -14.90 0.80 7.02
N GLY A 143 -14.46 0.76 5.76
CA GLY A 143 -15.10 1.56 4.74
C GLY A 143 -14.75 3.03 4.79
N ASP A 144 -13.69 3.39 5.52
CA ASP A 144 -13.31 4.78 5.64
C ASP A 144 -12.71 5.30 4.34
N PRO A 145 -12.84 6.59 4.06
CA PRO A 145 -12.25 7.16 2.85
C PRO A 145 -10.73 7.24 2.95
N THR A 146 -10.11 7.35 1.79
CA THR A 146 -8.69 7.63 1.73
C THR A 146 -8.43 9.09 2.07
N ASP A 147 -7.16 9.43 2.26
CA ASP A 147 -6.81 10.77 2.73
C ASP A 147 -7.27 11.84 1.74
N ASN A 148 -7.06 11.60 0.45
CA ASN A 148 -7.46 12.59 -0.55
C ASN A 148 -8.97 12.59 -0.77
N ALA A 149 -9.64 11.46 -0.55
CA ALA A 149 -11.06 11.34 -0.82
C ALA A 149 -11.94 11.62 0.40
N GLN A 150 -11.35 11.97 1.54
CA GLN A 150 -12.14 12.28 2.72
C GLN A 150 -12.99 13.53 2.51
N ASP A 151 -12.41 14.55 1.86
CA ASP A 151 -13.17 15.76 1.55
C ASP A 151 -14.33 15.45 0.60
N PHE A 152 -14.07 14.61 -0.40
CA PHE A 152 -15.17 14.21 -1.29
C PHE A 152 -16.26 13.48 -0.52
N TYR A 153 -15.87 12.59 0.39
CA TYR A 153 -16.84 11.80 1.14
C TYR A 153 -17.69 12.69 2.03
N ASP A 154 -17.07 13.59 2.78
CA ASP A 154 -17.85 14.39 3.71
C ASP A 154 -18.64 15.49 2.99
N TRP A 155 -18.17 15.94 1.82
CA TRP A 155 -19.00 16.81 1.00
C TRP A 155 -20.22 16.07 0.49
N LEU A 156 -20.06 14.80 0.08
CA LEU A 156 -21.20 14.00 -0.31
C LEU A 156 -22.16 13.82 0.86
N GLN A 157 -21.62 13.63 2.07
CA GLN A 157 -22.47 13.49 3.24
C GLN A 157 -23.27 14.75 3.51
N GLU A 158 -22.63 15.91 3.42
CA GLU A 158 -23.25 17.16 3.81
C GLU A 158 -23.96 17.89 2.68
N THR A 159 -23.82 17.44 1.44
CA THR A 159 -24.38 18.17 0.31
C THR A 159 -25.90 18.09 0.29
N ASP A 160 -26.51 19.12 -0.29
CA ASP A 160 -27.95 19.14 -0.51
C ASP A 160 -28.34 19.73 -1.85
N VAL A 161 -27.38 20.09 -2.70
CA VAL A 161 -27.66 20.66 -4.02
C VAL A 161 -28.10 19.55 -4.95
N ASP A 162 -28.65 19.92 -6.11
CA ASP A 162 -29.13 18.97 -7.10
C ASP A 162 -28.27 19.04 -8.35
N LEU A 163 -27.94 17.87 -8.90
CA LEU A 163 -27.13 17.75 -10.11
C LEU A 163 -28.00 17.11 -11.19
N THR A 164 -28.60 17.93 -12.04
CA THR A 164 -29.50 17.46 -13.08
C THR A 164 -28.81 17.47 -14.43
N GLY A 165 -28.94 16.37 -15.17
CA GLY A 165 -28.38 16.25 -16.50
C GLY A 165 -26.90 15.88 -16.53
N VAL A 166 -26.26 15.70 -15.39
CA VAL A 166 -24.86 15.31 -15.36
C VAL A 166 -24.74 13.80 -15.59
N LYS A 167 -23.66 13.39 -16.23
CA LYS A 167 -23.42 12.01 -16.58
C LYS A 167 -22.18 11.50 -15.84
N PHE A 168 -22.29 10.34 -15.22
CA PHE A 168 -21.22 9.83 -14.37
C PHE A 168 -21.07 8.33 -14.56
N ALA A 169 -19.93 7.82 -14.09
CA ALA A 169 -19.68 6.39 -13.96
C ALA A 169 -18.75 6.19 -12.78
N VAL A 170 -18.85 5.03 -12.13
CA VAL A 170 -18.10 4.75 -10.91
C VAL A 170 -17.45 3.39 -11.03
N PHE A 171 -16.14 3.33 -10.76
CA PHE A 171 -15.40 2.09 -10.67
C PHE A 171 -14.90 1.92 -9.25
N GLY A 172 -15.19 0.76 -8.66
CA GLY A 172 -14.87 0.51 -7.26
C GLY A 172 -13.64 -0.36 -7.09
N LEU A 173 -12.78 0.04 -6.16
CA LEU A 173 -11.57 -0.69 -5.82
C LEU A 173 -11.68 -1.19 -4.39
N GLY A 174 -11.43 -2.48 -4.19
CA GLY A 174 -11.56 -3.02 -2.85
C GLY A 174 -11.04 -4.44 -2.76
N ASN A 175 -11.28 -5.04 -1.61
CA ASN A 175 -10.84 -6.40 -1.32
C ASN A 175 -12.02 -7.22 -0.81
N LYS A 176 -12.12 -8.47 -1.26
CA LYS A 176 -13.19 -9.36 -0.82
C LYS A 176 -13.02 -9.78 0.63
N THR A 177 -11.82 -9.68 1.19
CA THR A 177 -11.57 -10.21 2.53
C THR A 177 -12.19 -9.35 3.62
N TYR A 178 -12.56 -8.10 3.34
CA TYR A 178 -13.19 -7.23 4.30
C TYR A 178 -14.67 -7.06 3.98
N GLU A 179 -15.46 -6.77 5.02
CA GLU A 179 -16.91 -6.66 4.88
C GLU A 179 -17.30 -5.49 3.99
N HIS A 180 -16.65 -4.34 4.15
CA HIS A 180 -16.96 -3.16 3.36
C HIS A 180 -16.22 -3.27 2.02
N PHE A 181 -16.79 -4.08 1.15
CA PHE A 181 -16.17 -4.42 -0.14
C PHE A 181 -16.65 -3.42 -1.19
N ASN A 182 -15.73 -2.59 -1.65
CA ASN A 182 -16.01 -1.35 -2.39
C ASN A 182 -17.19 -0.60 -1.76
N ALA A 183 -17.00 -0.24 -0.49
CA ALA A 183 -17.99 0.58 0.19
C ALA A 183 -18.08 1.96 -0.44
N MET A 184 -16.92 2.55 -0.78
CA MET A 184 -16.91 3.91 -1.31
C MET A 184 -17.51 3.99 -2.70
N GLY A 185 -17.20 3.03 -3.57
CA GLY A 185 -17.76 3.07 -4.91
C GLY A 185 -19.27 2.96 -4.90
N LYS A 186 -19.80 2.00 -4.13
CA LYS A 186 -21.25 1.86 -4.00
C LYS A 186 -21.87 3.10 -3.37
N TYR A 187 -21.21 3.66 -2.36
CA TYR A 187 -21.75 4.85 -1.70
C TYR A 187 -21.83 6.01 -2.68
N VAL A 188 -20.76 6.23 -3.46
CA VAL A 188 -20.75 7.34 -4.40
C VAL A 188 -21.82 7.13 -5.48
N ASP A 189 -21.93 5.91 -5.99
CA ASP A 189 -22.93 5.64 -7.02
C ASP A 189 -24.34 5.88 -6.49
N GLN A 190 -24.64 5.36 -5.30
CA GLN A 190 -25.98 5.51 -4.75
C GLN A 190 -26.28 6.96 -4.38
N ARG A 191 -25.28 7.69 -3.88
CA ARG A 191 -25.50 9.09 -3.52
C ARG A 191 -25.71 9.94 -4.76
N LEU A 192 -24.96 9.66 -5.84
CA LEU A 192 -25.18 10.39 -7.08
C LEU A 192 -26.55 10.08 -7.67
N GLU A 193 -26.99 8.82 -7.61
CA GLU A 193 -28.32 8.47 -8.10
C GLU A 193 -29.41 9.16 -7.27
N GLN A 194 -29.28 9.12 -5.95
CA GLN A 194 -30.27 9.73 -5.08
C GLN A 194 -30.31 11.24 -5.26
N LEU A 195 -29.15 11.87 -5.45
CA LEU A 195 -29.09 13.32 -5.52
C LEU A 195 -29.73 13.85 -6.80
N GLY A 196 -29.79 13.03 -7.85
CA GLY A 196 -30.47 13.42 -9.07
C GLY A 196 -29.64 13.29 -10.32
N ALA A 197 -28.49 12.64 -10.21
CA ALA A 197 -27.63 12.44 -11.37
C ALA A 197 -28.09 11.21 -12.15
N GLN A 198 -27.40 10.90 -13.25
CA GLN A 198 -27.80 9.85 -14.17
C GLN A 198 -26.68 8.82 -14.31
N ARG A 199 -27.04 7.54 -14.15
CA ARG A 199 -26.11 6.45 -14.38
C ARG A 199 -26.01 6.14 -15.87
N ILE A 200 -24.84 5.67 -16.27
CA ILE A 200 -24.56 5.27 -17.66
C ILE A 200 -24.09 3.83 -17.74
N PHE A 201 -23.11 3.46 -16.93
CA PHE A 201 -22.54 2.13 -16.93
C PHE A 201 -22.56 1.56 -15.52
N GLU A 202 -22.64 0.23 -15.45
CA GLU A 202 -22.77 -0.43 -14.16
C GLU A 202 -21.48 -0.28 -13.34
N LEU A 203 -21.64 -0.36 -12.02
CA LEU A 203 -20.51 -0.25 -11.12
C LEU A 203 -19.51 -1.38 -11.35
N GLY A 204 -18.23 -1.04 -11.24
CA GLY A 204 -17.19 -2.04 -11.37
C GLY A 204 -16.84 -2.68 -10.03
N LEU A 205 -17.12 -3.98 -9.91
CA LEU A 205 -16.86 -4.71 -8.67
C LEU A 205 -15.40 -5.20 -8.70
N GLY A 206 -14.49 -4.25 -8.54
CA GLY A 206 -13.08 -4.56 -8.58
C GLY A 206 -12.54 -5.05 -7.24
N ASP A 207 -12.16 -6.32 -7.19
CA ASP A 207 -11.66 -6.93 -5.97
C ASP A 207 -10.16 -7.18 -6.08
N ASP A 208 -9.43 -6.85 -5.03
CA ASP A 208 -7.99 -7.07 -4.98
C ASP A 208 -7.61 -8.46 -4.47
N ASP A 209 -8.60 -9.25 -4.03
CA ASP A 209 -8.30 -10.59 -3.52
C ASP A 209 -7.72 -11.48 -4.61
N GLY A 210 -8.28 -11.42 -5.82
CA GLY A 210 -7.75 -12.17 -6.93
C GLY A 210 -6.83 -11.32 -7.78
N ASN A 211 -7.30 -10.92 -8.96
CA ASN A 211 -6.57 -9.98 -9.81
C ASN A 211 -7.42 -8.73 -10.00
N LEU A 212 -6.78 -7.57 -9.84
CA LEU A 212 -7.49 -6.31 -9.98
C LEU A 212 -7.41 -5.76 -11.40
N GLU A 213 -6.30 -6.00 -12.10
CA GLU A 213 -6.18 -5.54 -13.48
C GLU A 213 -7.19 -6.24 -14.39
N GLU A 214 -7.49 -7.51 -14.12
CA GLU A 214 -8.49 -8.23 -14.89
C GLU A 214 -9.84 -7.51 -14.84
N ASP A 215 -10.30 -7.19 -13.63
CA ASP A 215 -11.61 -6.57 -13.48
C ASP A 215 -11.66 -5.22 -14.16
N PHE A 216 -10.61 -4.41 -14.01
CA PHE A 216 -10.60 -3.09 -14.63
C PHE A 216 -10.56 -3.20 -16.15
N ILE A 217 -9.79 -4.14 -16.68
CA ILE A 217 -9.71 -4.28 -18.14
C ILE A 217 -11.04 -4.73 -18.70
N THR A 218 -11.74 -5.64 -18.01
CA THR A 218 -13.06 -6.05 -18.47
C THR A 218 -14.06 -4.91 -18.38
N TRP A 219 -14.02 -4.16 -17.28
CA TRP A 219 -14.93 -3.02 -17.12
C TRP A 219 -14.70 -1.97 -18.19
N ARG A 220 -13.44 -1.68 -18.49
CA ARG A 220 -13.12 -0.71 -19.54
C ARG A 220 -13.56 -1.20 -20.91
N GLU A 221 -13.29 -2.48 -21.22
CA GLU A 221 -13.66 -3.04 -22.51
C GLU A 221 -15.17 -3.07 -22.70
N GLN A 222 -15.93 -3.22 -21.61
CA GLN A 222 -17.39 -3.18 -21.70
C GLN A 222 -17.95 -1.78 -21.61
N PHE A 223 -17.19 -0.82 -21.06
CA PHE A 223 -17.68 0.53 -20.81
C PHE A 223 -17.46 1.46 -21.99
N TRP A 224 -16.30 1.38 -22.64
CA TRP A 224 -16.05 2.28 -23.76
C TRP A 224 -17.06 2.11 -24.90
N PRO A 225 -17.40 0.90 -25.34
CA PRO A 225 -18.50 0.79 -26.31
C PRO A 225 -19.82 1.31 -25.80
N ALA A 226 -20.11 1.15 -24.51
CA ALA A 226 -21.37 1.62 -23.96
C ALA A 226 -21.50 3.13 -24.05
N VAL A 227 -20.48 3.86 -23.57
CA VAL A 227 -20.52 5.31 -23.67
C VAL A 227 -20.40 5.75 -25.13
N CYS A 228 -19.71 4.98 -25.96
CA CYS A 228 -19.61 5.30 -27.38
C CYS A 228 -20.98 5.27 -28.04
N GLU A 229 -21.78 4.25 -27.75
CA GLU A 229 -23.12 4.17 -28.31
C GLU A 229 -24.09 5.14 -27.63
N PHE A 230 -23.82 5.50 -26.37
CA PHE A 230 -24.67 6.48 -25.68
C PHE A 230 -24.44 7.88 -26.21
N PHE A 231 -23.22 8.19 -26.66
CA PHE A 231 -22.89 9.52 -27.15
C PHE A 231 -22.89 9.62 -28.67
N GLY A 232 -22.77 8.49 -29.37
CA GLY A 232 -22.79 8.50 -30.83
C GLY A 232 -21.47 8.81 -31.49
N VAL A 233 -20.37 8.85 -30.74
CA VAL A 233 -19.07 9.15 -31.33
C VAL A 233 -18.52 7.91 -32.02
N GLU A 234 -17.52 8.12 -32.87
CA GLU A 234 -16.90 7.03 -33.61
C GLU A 234 -15.67 6.49 -32.87
N ALA A 235 -15.18 5.36 -33.33
CA ALA A 235 -14.01 4.70 -32.75
C ALA A 235 -13.08 4.20 -33.84
N THR A 236 -12.90 4.99 -34.90
CA THR A 236 -12.07 4.57 -36.02
C THR A 236 -10.60 4.46 -35.61
N GLY A 237 -10.09 5.45 -34.88
CA GLY A 237 -8.71 5.43 -34.45
C GLY A 237 -8.36 4.27 -33.56
N GLU A 238 -7.25 3.59 -33.84
CA GLU A 238 -6.82 2.44 -33.06
C GLU A 238 -5.31 2.48 -32.88
N GLU A 239 -4.86 1.95 -31.75
CA GLU A 239 -3.43 1.85 -31.42
C GLU A 239 -2.72 3.19 -31.52
N SER A 240 -3.39 4.25 -31.06
CA SER A 240 -2.78 5.57 -31.08
C SER A 240 -1.62 5.65 -30.08
N SER A 241 -1.85 5.22 -28.85
CA SER A 241 -0.83 5.17 -27.80
C SER A 241 -0.16 6.53 -27.61
N ILE A 242 -0.98 7.50 -27.18
CA ILE A 242 -0.49 8.86 -27.02
C ILE A 242 0.46 8.94 -25.84
N ARG A 243 1.42 9.86 -25.91
CA ARG A 243 2.36 10.09 -24.83
C ARG A 243 1.80 11.12 -23.85
N GLN A 244 2.27 11.06 -22.61
CA GLN A 244 1.84 11.97 -21.57
C GLN A 244 2.92 12.96 -21.12
N TYR A 245 4.19 12.61 -21.28
CA TYR A 245 5.28 13.52 -20.94
C TYR A 245 6.32 13.48 -22.05
N GLU A 246 7.05 14.59 -22.19
CA GLU A 246 8.08 14.75 -23.22
C GLU A 246 9.44 14.93 -22.58
N LEU A 247 10.47 14.43 -23.25
CA LEU A 247 11.83 14.48 -22.73
C LEU A 247 12.40 15.88 -22.92
N VAL A 248 13.16 16.34 -21.92
CA VAL A 248 13.90 17.59 -22.01
C VAL A 248 15.28 17.33 -21.43
N VAL A 249 16.30 17.23 -22.29
CA VAL A 249 17.66 16.94 -21.83
C VAL A 249 18.29 18.22 -21.30
N HIS A 250 19.19 18.07 -20.33
CA HIS A 250 19.96 19.18 -19.80
C HIS A 250 21.44 18.84 -19.90
N GLU A 251 22.23 19.76 -20.45
CA GLU A 251 23.65 19.55 -20.66
C GLU A 251 24.49 20.16 -19.54
N ASP A 252 24.31 21.45 -19.27
CA ASP A 252 25.02 22.15 -18.20
C ASP A 252 24.01 22.52 -17.12
N MET A 253 24.02 21.78 -16.02
CA MET A 253 23.12 22.05 -14.90
C MET A 253 23.79 21.57 -13.63
N ASP A 254 23.96 22.49 -12.68
CA ASP A 254 24.60 22.14 -11.41
C ASP A 254 23.70 21.22 -10.59
N VAL A 255 24.33 20.41 -9.74
CA VAL A 255 23.61 19.49 -8.87
C VAL A 255 22.85 20.21 -7.77
N ALA A 256 23.00 21.52 -7.64
CA ALA A 256 22.28 22.26 -6.62
C ALA A 256 20.77 22.20 -6.84
N LYS A 257 20.34 22.30 -8.09
CA LYS A 257 18.92 22.26 -8.44
C LYS A 257 18.56 20.99 -9.20
N VAL A 258 19.28 19.91 -8.95
CA VAL A 258 18.98 18.60 -9.53
C VAL A 258 18.70 17.63 -8.40
N TYR A 259 17.56 16.95 -8.46
CA TYR A 259 17.17 16.03 -7.40
C TYR A 259 18.09 14.81 -7.39
N THR A 260 18.46 14.37 -6.19
CA THR A 260 19.33 13.22 -6.00
C THR A 260 18.72 12.25 -4.98
N GLY A 261 17.41 12.04 -5.08
CA GLY A 261 16.69 11.15 -4.19
C GLY A 261 15.66 11.80 -3.30
N GLU A 262 15.57 13.13 -3.28
CA GLU A 262 14.62 13.80 -2.43
C GLU A 262 13.19 13.53 -2.91
N MET A 263 12.28 13.40 -1.94
CA MET A 263 10.88 13.17 -2.25
C MET A 263 10.07 14.46 -2.34
N GLY A 264 10.33 15.41 -1.45
CA GLY A 264 9.58 16.65 -1.44
C GLY A 264 10.40 17.86 -1.84
N ARG A 265 10.81 18.66 -0.86
CA ARG A 265 11.54 19.88 -1.12
C ARG A 265 12.91 19.57 -1.73
N LEU A 266 13.43 20.54 -2.48
CA LEU A 266 14.74 20.41 -3.09
C LEU A 266 15.82 20.38 -2.02
N LYS A 267 16.79 19.47 -2.20
CA LYS A 267 17.90 19.28 -1.27
C LYS A 267 17.42 19.03 0.16
N SER A 268 16.29 18.32 0.29
CA SER A 268 15.75 18.04 1.61
C SER A 268 16.64 17.06 2.39
N TYR A 269 17.24 16.10 1.70
CA TYR A 269 18.00 15.04 2.37
C TYR A 269 19.27 15.57 3.04
N GLU A 270 19.68 16.80 2.76
CA GLU A 270 20.89 17.38 3.33
C GLU A 270 20.60 18.17 4.60
N ASN A 271 19.76 19.19 4.51
CA ASN A 271 19.42 20.06 5.63
C ASN A 271 17.92 19.95 5.90
N GLN A 272 17.55 19.01 6.77
CA GLN A 272 16.16 18.76 7.09
C GLN A 272 15.65 19.72 8.16
N LYS A 273 14.37 20.06 8.06
CA LYS A 273 13.66 20.87 9.04
C LYS A 273 12.36 20.17 9.43
N PRO A 274 11.93 20.31 10.67
CA PRO A 274 10.67 19.70 11.09
C PRO A 274 9.48 20.47 10.52
N PRO A 275 8.29 19.84 10.43
CA PRO A 275 7.95 18.46 10.80
C PRO A 275 8.32 17.45 9.73
N PHE A 276 8.21 16.15 10.02
CA PHE A 276 8.56 15.10 9.07
C PHE A 276 7.39 14.16 8.89
N ASP A 277 7.04 13.91 7.63
CA ASP A 277 5.89 13.06 7.30
C ASP A 277 6.19 12.39 5.96
N ALA A 278 5.14 11.90 5.30
CA ALA A 278 5.32 11.18 4.04
C ALA A 278 5.98 12.06 2.98
N LYS A 279 5.64 13.35 2.96
CA LYS A 279 6.21 14.24 1.95
C LYS A 279 7.64 14.65 2.28
N ASN A 280 7.98 14.74 3.56
CA ASN A 280 9.32 15.13 4.01
C ASN A 280 9.83 14.12 5.02
N PRO A 281 10.29 12.97 4.56
CA PRO A 281 10.80 11.95 5.49
C PRO A 281 12.09 12.41 6.18
N PHE A 282 12.32 11.83 7.35
CA PHE A 282 13.54 12.07 8.13
C PHE A 282 14.47 10.86 8.00
N LEU A 283 15.72 11.11 7.63
CA LEU A 283 16.69 10.01 7.54
C LEU A 283 17.17 9.67 8.94
N ALA A 284 16.81 8.48 9.41
CA ALA A 284 17.30 7.96 10.67
C ALA A 284 18.65 7.29 10.48
N ALA A 285 19.34 7.06 11.59
CA ALA A 285 20.63 6.37 11.58
C ALA A 285 20.44 5.00 12.19
N VAL A 286 20.76 3.96 11.43
CA VAL A 286 20.61 2.59 11.92
C VAL A 286 21.70 2.35 12.97
N THR A 287 21.30 2.36 14.25
CA THR A 287 22.26 2.14 15.32
C THR A 287 22.76 0.70 15.34
N ALA A 288 21.83 -0.25 15.27
CA ALA A 288 22.21 -1.65 15.32
C ALA A 288 21.13 -2.49 14.66
N ASN A 289 21.52 -3.72 14.28
CA ASN A 289 20.59 -4.70 13.75
C ASN A 289 21.18 -6.08 13.97
N ARG A 290 20.31 -7.09 13.94
CA ARG A 290 20.75 -8.45 14.23
C ARG A 290 19.78 -9.44 13.61
N LYS A 291 20.24 -10.69 13.48
CA LYS A 291 19.42 -11.78 12.98
C LYS A 291 18.79 -12.49 14.17
N LEU A 292 17.50 -12.25 14.38
CA LEU A 292 16.82 -12.76 15.57
C LEU A 292 16.73 -14.28 15.56
N ASN A 293 16.24 -14.84 14.46
CA ASN A 293 16.02 -16.28 14.39
C ASN A 293 17.35 -17.02 14.38
N GLN A 294 17.36 -18.18 15.03
CA GLN A 294 18.57 -19.00 15.12
C GLN A 294 18.79 -19.87 13.89
N GLY A 295 17.79 -20.01 13.03
CA GLY A 295 17.93 -20.79 11.82
C GLY A 295 18.57 -20.00 10.70
N THR A 296 18.48 -20.56 9.49
CA THR A 296 19.04 -19.90 8.32
C THR A 296 18.13 -19.91 7.09
N GLU A 297 17.02 -20.64 7.11
CA GLU A 297 16.12 -20.64 5.95
C GLU A 297 15.51 -19.26 5.73
N ARG A 298 15.10 -18.59 6.82
CA ARG A 298 14.53 -17.26 6.74
C ARG A 298 15.31 -16.31 7.63
N HIS A 299 15.57 -15.11 7.12
CA HIS A 299 16.34 -14.10 7.84
C HIS A 299 15.36 -13.15 8.51
N LEU A 300 14.98 -13.47 9.75
CA LEU A 300 14.14 -12.61 10.56
C LEU A 300 15.04 -11.59 11.25
N MET A 301 14.90 -10.32 10.89
CA MET A 301 15.83 -9.29 11.30
C MET A 301 15.16 -8.27 12.21
N HIS A 302 15.99 -7.62 13.02
CA HIS A 302 15.55 -6.60 13.98
C HIS A 302 16.33 -5.32 13.70
N LEU A 303 15.61 -4.20 13.57
CA LEU A 303 16.22 -2.92 13.26
C LEU A 303 15.99 -1.94 14.41
N GLU A 304 16.96 -1.04 14.59
CA GLU A 304 16.84 0.05 15.55
C GLU A 304 17.27 1.33 14.86
N LEU A 305 16.33 2.24 14.65
CA LEU A 305 16.56 3.47 13.92
C LEU A 305 16.63 4.63 14.91
N ASP A 306 17.72 5.39 14.87
CA ASP A 306 17.87 6.52 15.77
C ASP A 306 16.99 7.67 15.34
N ILE A 307 16.22 8.21 16.28
CA ILE A 307 15.28 9.29 15.99
C ILE A 307 15.66 10.51 16.82
N SER A 308 16.95 10.64 17.11
CA SER A 308 17.41 11.70 18.00
C SER A 308 17.22 13.08 17.36
N ASP A 309 16.70 14.02 18.15
CA ASP A 309 16.57 15.42 17.78
C ASP A 309 15.71 15.63 16.54
N SER A 310 14.94 14.63 16.13
CA SER A 310 14.09 14.73 14.95
C SER A 310 12.70 15.25 15.25
N LYS A 311 12.37 15.49 16.52
CA LYS A 311 11.10 16.00 16.99
C LYS A 311 9.96 15.01 16.77
N ILE A 312 10.24 13.83 16.20
CA ILE A 312 9.18 12.85 15.94
C ILE A 312 8.67 12.33 17.28
N ARG A 313 7.36 12.45 17.50
CA ARG A 313 6.70 11.95 18.69
C ARG A 313 5.73 10.85 18.29
N TYR A 314 5.90 9.66 18.86
CA TYR A 314 5.09 8.52 18.48
C TYR A 314 4.56 7.78 19.71
N GLU A 315 3.96 6.62 19.48
CA GLU A 315 3.44 5.80 20.57
C GLU A 315 3.56 4.34 20.17
N SER A 316 3.56 3.46 21.16
CA SER A 316 3.68 2.03 20.90
C SER A 316 2.49 1.54 20.10
N GLY A 317 2.73 0.55 19.24
CA GLY A 317 1.70 0.01 18.38
C GLY A 317 1.46 0.80 17.11
N ASP A 318 2.16 1.92 16.90
CA ASP A 318 1.99 2.74 15.72
C ASP A 318 2.72 2.09 14.55
N HIS A 319 2.84 2.82 13.45
CA HIS A 319 3.46 2.31 12.24
C HIS A 319 4.58 3.23 11.80
N VAL A 320 5.74 2.64 11.52
CA VAL A 320 6.89 3.36 10.97
C VAL A 320 6.98 3.01 9.48
N ALA A 321 7.13 4.04 8.66
CA ALA A 321 7.17 3.90 7.22
C ALA A 321 8.54 4.30 6.70
N VAL A 322 9.04 3.54 5.73
CA VAL A 322 10.39 3.73 5.21
C VAL A 322 10.32 3.91 3.69
N TYR A 323 11.12 4.84 3.18
CA TYR A 323 11.22 5.04 1.74
C TYR A 323 12.43 4.26 1.23
N PRO A 324 12.24 3.11 0.59
CA PRO A 324 13.39 2.29 0.20
C PRO A 324 14.12 2.85 -1.00
N ALA A 325 15.31 2.29 -1.23
CA ALA A 325 16.11 2.58 -2.41
C ALA A 325 16.29 1.28 -3.18
N ASN A 326 16.05 1.32 -4.48
CA ASN A 326 16.04 0.10 -5.26
C ASN A 326 17.46 -0.44 -5.45
N ASP A 327 17.53 -1.71 -5.85
CA ASP A 327 18.81 -2.38 -6.01
C ASP A 327 19.65 -1.71 -7.09
N SER A 328 20.92 -1.46 -6.79
CA SER A 328 21.80 -0.83 -7.77
C SER A 328 22.16 -1.81 -8.89
N ALA A 329 22.26 -3.09 -8.57
CA ALA A 329 22.54 -4.09 -9.62
C ALA A 329 21.41 -4.14 -10.64
N LEU A 330 20.16 -4.05 -10.18
CA LEU A 330 19.02 -4.07 -11.09
C LEU A 330 19.05 -2.88 -12.04
N VAL A 331 19.32 -1.69 -11.51
CA VAL A 331 19.40 -0.49 -12.33
C VAL A 331 20.55 -0.59 -13.32
N ASN A 332 21.71 -1.07 -12.85
CA ASN A 332 22.86 -1.19 -13.73
C ASN A 332 22.58 -2.16 -14.88
N GLN A 333 21.97 -3.31 -14.56
CA GLN A 333 21.66 -4.28 -15.60
C GLN A 333 20.61 -3.76 -16.57
N ILE A 334 19.61 -3.03 -16.07
CA ILE A 334 18.58 -2.46 -16.94
C ILE A 334 19.21 -1.44 -17.89
N GLY A 335 20.09 -0.59 -17.37
CA GLY A 335 20.75 0.37 -18.23
C GLY A 335 21.67 -0.30 -19.25
N GLU A 336 22.36 -1.36 -18.84
CA GLU A 336 23.24 -2.08 -19.75
C GLU A 336 22.45 -2.74 -20.88
N ILE A 337 21.34 -3.40 -20.56
CA ILE A 337 20.56 -4.06 -21.60
C ILE A 337 19.84 -3.05 -22.47
N LEU A 338 19.43 -1.91 -21.91
CA LEU A 338 18.78 -0.88 -22.72
C LEU A 338 19.78 -0.13 -23.58
N GLY A 339 21.01 0.03 -23.11
CA GLY A 339 22.03 0.75 -23.85
C GLY A 339 21.79 2.25 -23.85
N ALA A 340 21.82 2.86 -22.67
CA ALA A 340 21.59 4.29 -22.52
C ALA A 340 22.52 4.84 -21.46
N ASP A 341 22.74 6.14 -21.52
CA ASP A 341 23.58 6.84 -20.54
C ASP A 341 22.74 7.16 -19.32
N LEU A 342 22.98 6.42 -18.23
CA LEU A 342 22.16 6.56 -17.02
C LEU A 342 22.43 7.86 -16.27
N ASP A 343 23.48 8.59 -16.61
CA ASP A 343 23.86 9.81 -15.91
C ASP A 343 23.49 11.07 -16.69
N VAL A 344 22.35 11.05 -17.38
CA VAL A 344 21.89 12.17 -18.19
C VAL A 344 20.84 12.93 -17.41
N ILE A 345 21.14 14.19 -17.07
CA ILE A 345 20.17 15.05 -16.40
C ILE A 345 19.07 15.39 -17.38
N MET A 346 17.82 15.14 -16.99
CA MET A 346 16.70 15.34 -17.90
C MET A 346 15.46 15.84 -17.18
N SER A 347 14.33 15.82 -17.88
CA SER A 347 13.04 16.17 -17.29
C SER A 347 11.95 15.62 -18.19
N LEU A 348 10.80 15.32 -17.60
CA LEU A 348 9.61 14.90 -18.33
C LEU A 348 8.50 15.90 -18.03
N ASN A 349 8.00 16.55 -19.07
CA ASN A 349 7.01 17.61 -18.94
C ASN A 349 5.69 17.16 -19.54
N ASN A 350 4.60 17.33 -18.78
CA ASN A 350 3.28 17.00 -19.27
C ASN A 350 2.88 17.93 -20.42
N LEU A 351 2.31 17.35 -21.48
CA LEU A 351 1.85 18.18 -22.58
C LEU A 351 0.70 19.09 -22.15
N ASP A 352 -0.22 18.57 -21.35
CA ASP A 352 -1.32 19.38 -20.82
C ASP A 352 -0.74 20.33 -19.78
N GLU A 353 -0.58 21.60 -20.14
CA GLU A 353 0.05 22.55 -19.24
C GLU A 353 -0.82 22.83 -18.01
N GLU A 354 -2.13 22.85 -18.17
CA GLU A 354 -3.04 23.14 -17.06
C GLU A 354 -3.36 21.89 -16.25
N SER A 355 -2.31 21.19 -15.80
CA SER A 355 -2.45 20.02 -14.96
C SER A 355 -1.47 20.12 -13.80
N ASN A 356 -1.91 19.65 -12.62
CA ASN A 356 -1.08 19.76 -11.43
C ASN A 356 0.04 18.73 -11.40
N LYS A 357 -0.04 17.68 -12.22
CA LYS A 357 1.00 16.66 -12.27
C LYS A 357 2.06 17.12 -13.27
N LYS A 358 3.04 17.88 -12.77
CA LYS A 358 4.07 18.41 -13.65
C LYS A 358 4.91 17.30 -14.27
N HIS A 359 5.43 16.40 -13.44
CA HIS A 359 6.25 15.29 -13.88
C HIS A 359 5.82 14.03 -13.14
N PRO A 360 6.03 12.85 -13.73
CA PRO A 360 5.70 11.62 -13.02
C PRO A 360 6.46 11.47 -11.71
N PHE A 361 7.71 11.92 -11.67
CA PHE A 361 8.50 12.03 -10.47
C PHE A 361 9.20 13.38 -10.49
N PRO A 362 9.45 14.00 -9.34
CA PRO A 362 10.00 15.35 -9.34
C PRO A 362 11.34 15.42 -10.06
N CYS A 363 11.50 16.46 -10.86
CA CYS A 363 12.58 16.62 -11.82
C CYS A 363 13.13 18.03 -11.71
N PRO A 364 14.34 18.30 -12.24
CA PRO A 364 15.23 17.44 -13.04
C PRO A 364 15.93 16.35 -12.23
N THR A 365 16.18 15.21 -12.87
CA THR A 365 16.92 14.12 -12.23
C THR A 365 17.51 13.25 -13.32
N THR A 366 18.54 12.49 -12.96
CA THR A 366 19.18 11.60 -13.91
C THR A 366 18.38 10.31 -14.05
N TYR A 367 18.75 9.52 -15.06
CA TYR A 367 18.15 8.21 -15.23
C TYR A 367 18.44 7.30 -14.03
N ARG A 368 19.69 7.33 -13.55
CA ARG A 368 20.07 6.45 -12.44
C ARG A 368 19.25 6.76 -11.20
N THR A 369 19.09 8.04 -10.87
CA THR A 369 18.27 8.41 -9.73
C THR A 369 16.82 8.00 -9.94
N ALA A 370 16.31 8.16 -11.16
CA ALA A 370 14.92 7.82 -11.44
C ALA A 370 14.67 6.33 -11.23
N LEU A 371 15.56 5.47 -11.73
CA LEU A 371 15.37 4.05 -11.56
C LEU A 371 15.81 3.52 -10.21
N THR A 372 16.53 4.32 -9.40
CA THR A 372 16.88 3.85 -8.07
C THR A 372 15.90 4.30 -7.00
N TYR A 373 15.57 5.59 -6.95
CA TYR A 373 14.81 6.14 -5.84
C TYR A 373 13.38 6.53 -6.19
N TYR A 374 13.01 6.57 -7.48
CA TYR A 374 11.74 7.16 -7.88
C TYR A 374 10.86 6.22 -8.69
N LEU A 375 11.31 5.01 -8.99
CA LEU A 375 10.55 4.10 -9.84
C LEU A 375 10.44 2.73 -9.18
N ASP A 376 9.54 1.92 -9.70
CA ASP A 376 9.28 0.58 -9.20
C ASP A 376 9.54 -0.39 -10.34
N ILE A 377 10.71 -1.05 -10.30
CA ILE A 377 11.12 -1.94 -11.38
C ILE A 377 11.11 -3.40 -10.93
N THR A 378 10.47 -3.69 -9.80
CA THR A 378 10.49 -5.02 -9.20
C THR A 378 9.17 -5.77 -9.36
N ASN A 379 8.04 -5.11 -9.18
CA ASN A 379 6.75 -5.76 -9.32
C ASN A 379 6.38 -5.93 -10.79
N PRO A 380 5.54 -6.89 -11.11
CA PRO A 380 5.15 -7.10 -12.52
C PRO A 380 4.46 -5.87 -13.08
N PRO A 381 4.71 -5.56 -14.35
CA PRO A 381 4.07 -4.40 -14.97
C PRO A 381 2.61 -4.68 -15.29
N ARG A 382 1.84 -3.59 -15.39
CA ARG A 382 0.45 -3.70 -15.78
C ARG A 382 0.32 -3.94 -17.27
N THR A 383 -0.90 -4.24 -17.71
CA THR A 383 -1.15 -4.52 -19.12
C THR A 383 -0.92 -3.30 -20.00
N ASN A 384 -1.21 -2.11 -19.48
CA ASN A 384 -1.01 -0.90 -20.27
C ASN A 384 0.46 -0.67 -20.60
N VAL A 385 1.35 -0.98 -19.67
CA VAL A 385 2.79 -0.82 -19.93
C VAL A 385 3.22 -1.73 -21.08
N LEU A 386 2.78 -2.98 -21.04
CA LEU A 386 3.15 -3.92 -22.11
C LEU A 386 2.54 -3.51 -23.44
N TYR A 387 1.29 -3.03 -23.43
CA TYR A 387 0.67 -2.59 -24.68
C TYR A 387 1.42 -1.38 -25.25
N GLU A 388 1.83 -0.45 -24.38
CA GLU A 388 2.58 0.72 -24.83
C GLU A 388 4.00 0.37 -25.27
N LEU A 389 4.55 -0.74 -24.78
CA LEU A 389 5.88 -1.17 -25.19
C LEU A 389 5.86 -2.14 -26.36
N ALA A 390 4.68 -2.59 -26.77
CA ALA A 390 4.59 -3.58 -27.85
C ALA A 390 5.23 -3.07 -29.14
N GLN A 391 4.97 -1.82 -29.52
CA GLN A 391 5.45 -1.34 -30.81
C GLN A 391 6.97 -1.23 -30.90
N TYR A 392 7.68 -1.32 -29.78
CA TYR A 392 9.13 -1.27 -29.79
C TYR A 392 9.76 -2.64 -30.00
N ALA A 393 8.96 -3.69 -30.12
CA ALA A 393 9.48 -5.03 -30.36
C ALA A 393 9.73 -5.22 -31.85
N SER A 394 10.97 -5.55 -32.21
CA SER A 394 11.32 -5.72 -33.62
C SER A 394 10.69 -7.00 -34.19
N GLU A 395 10.81 -8.10 -33.46
CA GLU A 395 10.30 -9.37 -33.96
C GLU A 395 8.78 -9.36 -33.97
N PRO A 396 8.13 -9.72 -35.09
CA PRO A 396 6.66 -9.64 -35.14
C PRO A 396 5.96 -10.52 -34.12
N SER A 397 6.48 -11.71 -33.82
CA SER A 397 5.81 -12.59 -32.88
C SER A 397 5.84 -12.03 -31.47
N GLU A 398 6.98 -11.48 -31.05
CA GLU A 398 7.07 -10.87 -29.72
C GLU A 398 6.17 -9.64 -29.63
N GLN A 399 6.11 -8.86 -30.71
CA GLN A 399 5.21 -7.71 -30.73
C GLN A 399 3.75 -8.15 -30.61
N GLU A 400 3.38 -9.22 -31.31
CA GLU A 400 2.01 -9.72 -31.22
C GLU A 400 1.71 -10.22 -29.82
N HIS A 401 2.67 -10.91 -29.19
CA HIS A 401 2.48 -11.35 -27.81
C HIS A 401 2.28 -10.16 -26.88
N LEU A 402 3.10 -9.13 -27.03
CA LEU A 402 2.98 -7.96 -26.17
C LEU A 402 1.65 -7.24 -26.39
N HIS A 403 1.18 -7.22 -27.64
CA HIS A 403 -0.10 -6.57 -27.93
C HIS A 403 -1.27 -7.35 -27.33
N LYS A 404 -1.27 -8.67 -27.52
CA LYS A 404 -2.36 -9.50 -26.99
C LYS A 404 -2.27 -9.68 -25.48
N MET A 405 -1.16 -9.32 -24.86
CA MET A 405 -1.04 -9.45 -23.41
C MET A 405 -2.04 -8.55 -22.68
N ALA A 406 -2.50 -7.48 -23.32
CA ALA A 406 -3.41 -6.53 -22.70
C ALA A 406 -4.86 -6.74 -23.12
N SER A 407 -5.21 -7.93 -23.60
CA SER A 407 -6.56 -8.20 -24.05
C SER A 407 -7.47 -8.47 -22.85
N SER A 408 -8.74 -8.76 -23.14
CA SER A 408 -9.72 -9.07 -22.10
C SER A 408 -9.96 -10.56 -21.93
N SER A 409 -9.72 -11.36 -22.96
CA SER A 409 -9.89 -12.81 -22.89
C SER A 409 -8.90 -13.45 -23.85
N GLY A 410 -9.11 -14.73 -24.15
CA GLY A 410 -8.28 -15.44 -25.09
C GLY A 410 -7.01 -16.01 -24.45
N GLU A 411 -6.24 -16.71 -25.28
CA GLU A 411 -5.04 -17.36 -24.80
C GLU A 411 -4.01 -16.34 -24.31
N GLY A 412 -3.99 -15.14 -24.89
CA GLY A 412 -3.09 -14.11 -24.42
C GLY A 412 -3.36 -13.69 -22.99
N LYS A 413 -4.62 -13.72 -22.58
CA LYS A 413 -4.97 -13.36 -21.20
C LYS A 413 -4.35 -14.34 -20.21
N GLU A 414 -4.52 -15.64 -20.45
CA GLU A 414 -3.89 -16.63 -19.58
C GLU A 414 -2.37 -16.60 -19.70
N LEU A 415 -1.85 -16.27 -20.87
CA LEU A 415 -0.40 -16.12 -21.01
C LEU A 415 0.11 -15.00 -20.12
N TYR A 416 -0.58 -13.87 -20.11
CA TYR A 416 -0.22 -12.79 -19.18
C TYR A 416 -0.32 -13.26 -17.74
N LEU A 417 -1.42 -13.94 -17.40
CA LEU A 417 -1.63 -14.39 -16.03
C LEU A 417 -0.51 -15.30 -15.56
N SER A 418 -0.07 -16.23 -16.40
CA SER A 418 0.95 -17.20 -16.02
C SER A 418 2.36 -16.76 -16.34
N TRP A 419 2.54 -15.60 -16.98
CA TRP A 419 3.86 -15.17 -17.40
C TRP A 419 4.35 -13.92 -16.70
N VAL A 420 3.46 -13.02 -16.29
CA VAL A 420 3.86 -11.75 -15.71
C VAL A 420 3.59 -11.69 -14.22
N VAL A 421 2.37 -12.02 -13.79
CA VAL A 421 2.01 -11.88 -12.38
C VAL A 421 2.32 -13.15 -11.61
N GLU A 422 1.88 -14.30 -12.13
CA GLU A 422 2.13 -15.56 -11.43
C GLU A 422 3.62 -15.87 -11.37
N ALA A 423 4.35 -15.65 -12.46
CA ALA A 423 5.78 -15.90 -12.49
C ALA A 423 6.58 -14.79 -11.84
N ARG A 424 5.96 -13.66 -11.53
CA ARG A 424 6.62 -12.53 -10.87
C ARG A 424 7.82 -12.05 -11.70
N ARG A 425 7.52 -11.61 -12.92
CA ARG A 425 8.53 -11.13 -13.85
C ARG A 425 8.53 -9.61 -13.83
N HIS A 426 9.65 -9.02 -13.42
CA HIS A 426 9.77 -7.58 -13.37
C HIS A 426 10.07 -7.04 -14.77
N ILE A 427 10.40 -5.75 -14.86
CA ILE A 427 10.66 -5.14 -16.16
C ILE A 427 11.96 -5.68 -16.76
N LEU A 428 12.99 -5.88 -15.93
CA LEU A 428 14.24 -6.43 -16.45
C LEU A 428 14.07 -7.86 -16.93
N ALA A 429 13.27 -8.66 -16.22
CA ALA A 429 13.02 -10.02 -16.66
C ALA A 429 12.28 -10.05 -17.98
N ILE A 430 11.29 -9.17 -18.15
CA ILE A 430 10.54 -9.12 -19.39
C ILE A 430 11.43 -8.61 -20.53
N LEU A 431 12.40 -7.75 -20.22
CA LEU A 431 13.35 -7.32 -21.25
C LEU A 431 14.28 -8.44 -21.65
N GLN A 432 14.79 -9.20 -20.67
CA GLN A 432 15.74 -10.26 -20.96
C GLN A 432 15.10 -11.42 -21.70
N ASP A 433 13.90 -11.83 -21.28
CA ASP A 433 13.22 -12.94 -21.94
C ASP A 433 12.69 -12.56 -23.31
N TYR A 434 12.65 -11.28 -23.64
CA TYR A 434 12.23 -10.79 -24.96
C TYR A 434 13.34 -9.93 -25.52
N PRO A 435 14.43 -10.55 -25.98
CA PRO A 435 15.62 -9.76 -26.38
C PRO A 435 15.36 -8.83 -27.55
N SER A 436 14.38 -9.13 -28.41
CA SER A 436 14.06 -8.25 -29.53
C SER A 436 13.16 -7.12 -29.08
N LEU A 437 13.57 -6.42 -28.02
CA LEU A 437 12.77 -5.33 -27.45
C LEU A 437 13.72 -4.37 -26.77
N ARG A 438 13.95 -3.21 -27.38
CA ARG A 438 14.84 -2.18 -26.84
C ARG A 438 14.11 -0.86 -26.83
N PRO A 439 13.14 -0.69 -25.94
CA PRO A 439 12.40 0.56 -25.88
C PRO A 439 13.29 1.68 -25.34
N PRO A 440 13.01 2.93 -25.69
CA PRO A 440 13.78 4.04 -25.14
C PRO A 440 13.64 4.11 -23.62
N ILE A 441 14.72 4.54 -22.98
CA ILE A 441 14.75 4.61 -21.51
C ILE A 441 13.69 5.58 -21.00
N ASP A 442 13.48 6.69 -21.72
CA ASP A 442 12.50 7.67 -21.27
C ASP A 442 11.09 7.12 -21.31
N HIS A 443 10.78 6.29 -22.32
CA HIS A 443 9.46 5.66 -22.38
C HIS A 443 9.26 4.70 -21.21
N LEU A 444 10.30 3.93 -20.88
CA LEU A 444 10.19 3.03 -19.74
C LEU A 444 10.00 3.79 -18.43
N CYS A 445 10.74 4.90 -18.26
CA CYS A 445 10.52 5.73 -17.08
C CYS A 445 9.14 6.35 -17.09
N GLU A 446 8.59 6.62 -18.28
CA GLU A 446 7.23 7.13 -18.41
C GLU A 446 6.21 6.13 -17.91
N LEU A 447 6.33 4.88 -18.34
CA LEU A 447 5.29 3.90 -18.07
C LEU A 447 5.33 3.37 -16.64
N LEU A 448 6.52 3.18 -16.09
CA LEU A 448 6.65 2.47 -14.82
C LEU A 448 6.03 3.28 -13.68
N PRO A 449 5.38 2.61 -12.72
CA PRO A 449 4.76 3.32 -11.60
C PRO A 449 5.81 3.78 -10.59
N ARG A 450 5.35 4.61 -9.66
CA ARG A 450 6.23 5.17 -8.65
C ARG A 450 6.63 4.09 -7.64
N LEU A 451 7.63 4.42 -6.83
CA LEU A 451 8.11 3.53 -5.77
C LEU A 451 7.34 3.82 -4.49
N GLN A 452 6.66 2.82 -3.95
CA GLN A 452 5.79 3.00 -2.80
C GLN A 452 6.53 2.73 -1.51
N ALA A 453 6.25 3.55 -0.50
CA ALA A 453 6.84 3.35 0.81
C ALA A 453 6.31 2.08 1.46
N ARG A 454 7.15 1.48 2.31
CA ARG A 454 6.80 0.24 3.00
C ARG A 454 6.73 0.51 4.49
N TYR A 455 5.71 -0.05 5.13
CA TYR A 455 5.36 0.31 6.51
C TYR A 455 5.60 -0.88 7.42
N TYR A 456 6.14 -0.61 8.61
CA TYR A 456 6.39 -1.64 9.60
C TYR A 456 5.85 -1.22 10.96
N SER A 457 5.49 -2.21 11.76
CA SER A 457 4.98 -1.95 13.10
C SER A 457 6.12 -1.62 14.05
N ILE A 458 5.87 -0.69 14.96
CA ILE A 458 6.89 -0.21 15.89
C ILE A 458 6.99 -1.17 17.06
N ALA A 459 8.21 -1.62 17.37
CA ALA A 459 8.45 -2.54 18.48
C ALA A 459 8.97 -1.85 19.73
N SER A 460 9.01 -0.52 19.74
CA SER A 460 9.45 0.24 20.89
C SER A 460 8.24 0.82 21.63
N SER A 461 8.51 1.67 22.62
CA SER A 461 7.45 2.35 23.36
C SER A 461 7.87 3.79 23.59
N SER A 462 6.86 4.68 23.67
CA SER A 462 7.14 6.09 23.89
C SER A 462 7.51 6.37 25.35
N LYS A 463 6.85 5.72 26.29
CA LYS A 463 7.19 5.88 27.71
C LYS A 463 8.50 5.19 28.06
N VAL A 464 9.03 4.39 27.15
CA VAL A 464 10.38 3.82 27.24
C VAL A 464 11.14 4.52 26.13
N HIS A 465 12.40 4.15 25.92
CA HIS A 465 13.34 4.89 25.07
C HIS A 465 12.66 5.44 23.81
N PRO A 466 12.48 6.77 23.73
CA PRO A 466 11.81 7.34 22.57
C PRO A 466 12.78 7.83 21.50
N ASN A 467 14.07 7.83 21.84
CA ASN A 467 15.08 8.30 20.91
C ASN A 467 15.32 7.33 19.75
N SER A 468 14.76 6.13 19.81
CA SER A 468 14.96 5.14 18.76
C SER A 468 13.70 4.32 18.59
N VAL A 469 13.35 4.03 17.34
CA VAL A 469 12.26 3.14 17.03
C VAL A 469 12.83 1.77 16.68
N HIS A 470 11.97 0.77 16.65
CA HIS A 470 12.39 -0.60 16.41
C HIS A 470 11.55 -1.20 15.30
N ILE A 471 12.15 -2.12 14.55
CA ILE A 471 11.50 -2.74 13.41
C ILE A 471 11.79 -4.24 13.45
N CYS A 472 10.74 -5.04 13.36
CA CYS A 472 10.87 -6.48 13.16
C CYS A 472 10.40 -6.80 11.75
N ALA A 473 11.30 -7.36 10.94
CA ALA A 473 11.01 -7.60 9.53
C ALA A 473 11.53 -8.97 9.13
N VAL A 474 10.95 -9.51 8.06
CA VAL A 474 11.38 -10.75 7.46
C VAL A 474 12.03 -10.44 6.12
N ALA A 475 13.25 -10.91 5.91
CA ALA A 475 13.92 -10.70 4.64
C ALA A 475 13.20 -11.48 3.55
N VAL A 476 12.74 -10.79 2.53
CA VAL A 476 12.00 -11.41 1.44
C VAL A 476 12.98 -12.01 0.44
N GLU A 477 12.82 -13.30 0.16
CA GLU A 477 13.67 -14.02 -0.77
C GLU A 477 12.92 -15.26 -1.21
N TYR A 478 12.77 -15.44 -2.51
CA TYR A 478 11.99 -16.57 -3.00
C TYR A 478 12.45 -16.93 -4.40
N GLU A 479 12.18 -18.18 -4.79
CA GLU A 479 12.48 -18.68 -6.12
C GLU A 479 11.25 -18.47 -6.99
N ALA A 480 11.23 -17.38 -7.73
CA ALA A 480 10.10 -17.09 -8.61
C ALA A 480 10.01 -18.13 -9.72
N LYS A 481 8.80 -18.33 -10.23
CA LYS A 481 8.59 -19.31 -11.29
C LYS A 481 9.28 -18.93 -12.59
N SER A 482 9.75 -17.69 -12.71
CA SER A 482 10.54 -17.28 -13.87
C SER A 482 11.95 -17.85 -13.85
N GLY A 483 12.35 -18.51 -12.77
CA GLY A 483 13.69 -19.03 -12.65
C GLY A 483 14.73 -18.03 -12.20
N ARG A 484 14.30 -16.84 -11.78
CA ARG A 484 15.19 -15.77 -11.37
C ARG A 484 15.03 -15.50 -9.88
N VAL A 485 16.15 -15.29 -9.19
CA VAL A 485 16.10 -14.95 -7.77
C VAL A 485 15.46 -13.59 -7.63
N ASN A 486 14.33 -13.54 -6.94
CA ASN A 486 13.56 -12.30 -6.76
C ASN A 486 13.73 -11.84 -5.33
N LYS A 487 14.09 -10.58 -5.16
CA LYS A 487 14.49 -10.04 -3.87
C LYS A 487 13.60 -8.85 -3.52
N GLY A 488 13.15 -8.80 -2.26
CA GLY A 488 12.36 -7.69 -1.80
C GLY A 488 13.16 -6.41 -1.76
N VAL A 489 12.44 -5.29 -1.88
CA VAL A 489 13.10 -4.00 -1.99
C VAL A 489 13.51 -3.48 -0.62
N ALA A 490 12.54 -3.20 0.24
CA ALA A 490 12.83 -2.53 1.50
C ALA A 490 13.48 -3.47 2.51
N THR A 491 13.03 -4.71 2.58
CA THR A 491 13.59 -5.65 3.55
C THR A 491 15.07 -5.89 3.27
N SER A 492 15.42 -6.18 2.02
CA SER A 492 16.82 -6.39 1.69
C SER A 492 17.62 -5.09 1.72
N TRP A 493 16.96 -3.96 1.40
CA TRP A 493 17.63 -2.68 1.51
C TRP A 493 18.07 -2.40 2.94
N LEU A 494 17.20 -2.69 3.91
CA LEU A 494 17.56 -2.53 5.31
C LEU A 494 18.51 -3.62 5.77
N ARG A 495 18.40 -4.82 5.19
CA ARG A 495 19.33 -5.90 5.53
C ARG A 495 20.76 -5.52 5.17
N ALA A 496 20.95 -4.92 3.99
CA ALA A 496 22.28 -4.45 3.61
C ALA A 496 22.74 -3.25 4.39
N LYS A 497 21.86 -2.59 5.15
CA LYS A 497 22.23 -1.44 5.95
C LYS A 497 23.08 -1.89 7.12
N GLU A 498 24.39 -1.75 6.99
CA GLU A 498 25.30 -2.13 8.07
C GLU A 498 25.14 -1.17 9.24
N PRO A 499 25.24 -1.67 10.48
CA PRO A 499 25.18 -0.77 11.63
C PRO A 499 26.22 0.33 11.59
N ALA A 500 27.43 0.01 11.11
CA ALA A 500 28.48 0.99 10.87
C ALA A 500 28.82 1.79 12.11
N GLY A 501 28.40 3.06 12.15
CA GLY A 501 28.79 3.95 13.22
C GLY A 501 30.23 4.39 13.07
N GLU A 502 31.06 4.06 14.05
CA GLU A 502 32.51 4.26 14.00
C GLU A 502 32.79 5.76 13.83
N ASN A 503 33.51 6.20 12.80
CA ASN A 503 33.86 7.60 12.68
C ASN A 503 32.74 8.41 12.04
N GLY A 504 32.39 8.09 10.79
CA GLY A 504 31.41 8.89 10.06
C GLY A 504 30.35 8.09 9.32
N GLY A 505 30.52 6.78 9.12
CA GLY A 505 29.50 5.99 8.44
C GLY A 505 28.25 5.89 9.30
N ARG A 506 27.09 6.10 8.69
CA ARG A 506 25.84 6.09 9.44
C ARG A 506 24.81 5.16 8.81
N ALA A 507 24.88 4.96 7.50
CA ALA A 507 23.88 4.20 6.75
C ALA A 507 22.48 4.76 7.01
N LEU A 508 22.29 6.00 6.58
CA LEU A 508 21.07 6.73 6.86
C LEU A 508 19.87 6.06 6.19
N VAL A 509 18.71 6.25 6.79
CA VAL A 509 17.47 5.64 6.31
C VAL A 509 16.30 6.60 6.51
N PRO A 510 15.66 7.07 5.43
CA PRO A 510 14.55 8.00 5.58
C PRO A 510 13.30 7.30 6.09
N MET A 511 12.54 7.99 6.93
CA MET A 511 11.36 7.37 7.52
C MET A 511 10.42 8.44 8.05
N PHE A 512 9.16 8.03 8.24
CA PHE A 512 8.15 8.86 8.89
C PHE A 512 7.16 7.93 9.59
N VAL A 513 6.47 8.48 10.59
CA VAL A 513 5.60 7.70 11.47
C VAL A 513 4.14 7.97 11.11
N ARG A 514 3.30 6.95 11.28
CA ARG A 514 1.87 7.07 11.03
C ARG A 514 1.10 6.70 12.30
N LYS A 515 0.15 7.55 12.68
CA LYS A 515 -0.70 7.27 13.82
C LYS A 515 -1.74 6.21 13.47
N SER A 516 -2.21 5.49 14.49
CA SER A 516 -3.25 4.50 14.33
C SER A 516 -3.99 4.31 15.64
N GLN A 517 -5.08 3.54 15.58
CA GLN A 517 -5.95 3.31 16.72
C GLN A 517 -5.55 2.09 17.54
N PHE A 518 -4.47 1.41 17.16
CA PHE A 518 -3.98 0.23 17.88
C PHE A 518 -3.20 0.73 19.09
N ARG A 519 -3.90 0.84 20.23
CA ARG A 519 -3.31 1.43 21.42
C ARG A 519 -3.69 0.61 22.64
N LEU A 520 -2.90 0.79 23.71
CA LEU A 520 -3.17 0.15 24.99
C LEU A 520 -4.35 0.82 25.69
N PRO A 521 -4.99 0.13 26.63
CA PRO A 521 -6.10 0.76 27.36
C PRO A 521 -5.62 1.95 28.18
N PHE A 522 -6.54 2.90 28.38
CA PHE A 522 -6.19 4.13 29.09
C PHE A 522 -5.77 3.84 30.52
N LYS A 523 -6.45 2.92 31.20
CA LYS A 523 -6.15 2.57 32.57
C LYS A 523 -5.38 1.25 32.61
N SER A 524 -4.29 1.22 33.38
CA SER A 524 -3.43 0.04 33.42
C SER A 524 -4.11 -1.15 34.08
N THR A 525 -5.21 -0.96 34.79
CA THR A 525 -5.91 -2.06 35.43
C THR A 525 -6.56 -3.00 34.42
N THR A 526 -6.78 -2.55 33.19
CA THR A 526 -7.46 -3.36 32.20
C THR A 526 -6.56 -4.50 31.74
N PRO A 527 -7.04 -5.74 31.77
CA PRO A 527 -6.26 -6.85 31.20
C PRO A 527 -6.16 -6.71 29.69
N VAL A 528 -5.05 -7.23 29.15
CA VAL A 528 -4.78 -7.17 27.72
C VAL A 528 -4.48 -8.58 27.23
N ILE A 529 -5.15 -8.99 26.15
CA ILE A 529 -4.91 -10.27 25.51
C ILE A 529 -4.26 -10.01 24.16
N MET A 530 -3.05 -10.52 23.96
CA MET A 530 -2.26 -10.25 22.78
C MET A 530 -1.99 -11.57 22.06
N VAL A 531 -2.45 -11.68 20.82
CA VAL A 531 -2.31 -12.89 20.02
C VAL A 531 -1.79 -12.51 18.65
N GLY A 532 -0.67 -13.08 18.26
CA GLY A 532 -0.16 -12.94 16.91
C GLY A 532 1.11 -13.73 16.69
N PRO A 533 1.14 -14.51 15.60
CA PRO A 533 2.34 -15.29 15.29
C PRO A 533 3.29 -14.55 14.36
N GLY A 534 4.43 -15.17 14.06
CA GLY A 534 5.37 -14.57 13.12
C GLY A 534 5.90 -13.24 13.62
N THR A 535 6.09 -12.31 12.69
CA THR A 535 6.62 -10.99 13.00
C THR A 535 5.58 -10.06 13.62
N GLY A 536 4.42 -10.59 14.01
CA GLY A 536 3.42 -9.77 14.67
C GLY A 536 3.74 -9.41 16.09
N ILE A 537 4.83 -9.93 16.65
CA ILE A 537 5.17 -9.69 18.03
C ILE A 537 5.67 -8.27 18.28
N ALA A 538 6.04 -7.53 17.24
CA ALA A 538 6.65 -6.22 17.43
C ALA A 538 5.74 -5.24 18.16
N PRO A 539 4.51 -4.97 17.72
CA PRO A 539 3.63 -4.13 18.55
C PRO A 539 3.33 -4.78 19.89
N PHE A 540 3.29 -6.11 19.93
CA PHE A 540 3.10 -6.81 21.19
C PHE A 540 4.29 -6.60 22.12
N MET A 541 5.51 -6.58 21.57
CA MET A 541 6.66 -6.26 22.41
C MET A 541 6.61 -4.82 22.90
N GLY A 542 6.19 -3.90 22.04
CA GLY A 542 6.02 -2.53 22.50
C GLY A 542 5.06 -2.44 23.66
N PHE A 543 3.93 -3.13 23.55
CA PHE A 543 2.97 -3.18 24.65
C PHE A 543 3.59 -3.82 25.88
N ILE A 544 4.38 -4.88 25.68
CA ILE A 544 4.95 -5.62 26.81
C ILE A 544 5.91 -4.75 27.61
N GLN A 545 6.82 -4.06 26.92
CA GLN A 545 7.75 -3.22 27.66
C GLN A 545 7.06 -1.95 28.18
N GLU A 546 5.96 -1.51 27.55
CA GLU A 546 5.17 -0.45 28.15
C GLU A 546 4.58 -0.90 29.49
N ARG A 547 4.04 -2.11 29.53
CA ARG A 547 3.49 -2.64 30.78
C ARG A 547 4.58 -2.87 31.81
N ALA A 548 5.75 -3.32 31.36
CA ALA A 548 6.88 -3.49 32.27
C ALA A 548 7.30 -2.15 32.87
N TRP A 549 7.35 -1.10 32.05
CA TRP A 549 7.67 0.23 32.56
C TRP A 549 6.61 0.69 33.56
N LEU A 550 5.33 0.42 33.26
CA LEU A 550 4.27 0.80 34.20
C LEU A 550 4.42 0.09 35.53
N ARG A 551 4.73 -1.22 35.49
CA ARG A 551 4.92 -1.97 36.73
C ARG A 551 6.12 -1.46 37.51
N GLU A 552 7.23 -1.21 36.83
CA GLU A 552 8.43 -0.72 37.50
C GLU A 552 8.29 0.73 37.97
N GLN A 553 7.29 1.46 37.47
CA GLN A 553 7.07 2.83 37.88
C GLN A 553 6.22 2.93 39.14
N GLY A 554 5.71 1.81 39.65
CA GLY A 554 4.93 1.83 40.87
C GLY A 554 3.46 1.46 40.67
N LYS A 555 2.88 1.94 39.58
CA LYS A 555 1.47 1.67 39.31
C LYS A 555 1.27 0.18 38.99
N GLU A 556 0.21 -0.39 39.55
CA GLU A 556 -0.09 -1.78 39.32
C GLU A 556 -0.69 -1.98 37.94
N VAL A 557 -0.45 -3.17 37.38
CA VAL A 557 -0.87 -3.51 36.02
C VAL A 557 -1.60 -4.84 36.06
N GLY A 558 -2.74 -4.91 35.37
CA GLY A 558 -3.53 -6.12 35.34
C GLY A 558 -2.85 -7.24 34.57
N GLU A 559 -3.62 -8.28 34.31
CA GLU A 559 -3.09 -9.45 33.61
C GLU A 559 -2.72 -9.10 32.18
N THR A 560 -1.56 -9.61 31.75
CA THR A 560 -1.09 -9.43 30.38
C THR A 560 -0.79 -10.81 29.80
N LEU A 561 -1.42 -11.12 28.67
CA LEU A 561 -1.31 -12.44 28.07
C LEU A 561 -0.72 -12.33 26.67
N LEU A 562 0.21 -13.22 26.35
CA LEU A 562 0.81 -13.30 25.02
C LEU A 562 0.47 -14.66 24.42
N TYR A 563 0.02 -14.66 23.18
CA TYR A 563 -0.28 -15.89 22.44
C TYR A 563 0.47 -15.82 21.11
N TYR A 564 1.62 -16.48 21.05
CA TYR A 564 2.53 -16.36 19.92
C TYR A 564 2.70 -17.71 19.25
N GLY A 565 3.06 -17.67 17.97
CA GLY A 565 3.26 -18.89 17.21
C GLY A 565 4.53 -18.82 16.39
N CYS A 566 5.15 -19.99 16.20
CA CYS A 566 6.37 -20.10 15.42
C CYS A 566 6.51 -21.55 14.97
N ARG A 567 7.42 -21.76 14.02
CA ARG A 567 7.61 -23.11 13.47
C ARG A 567 8.32 -24.02 14.46
N ARG A 568 9.56 -23.68 14.80
CA ARG A 568 10.34 -24.44 15.78
C ARG A 568 11.01 -23.49 16.74
N SER A 569 11.31 -23.99 17.94
CA SER A 569 11.96 -23.17 18.96
C SER A 569 13.40 -22.83 18.57
N ASP A 570 14.05 -23.70 17.81
CA ASP A 570 15.43 -23.48 17.38
C ASP A 570 15.52 -22.95 15.96
N GLU A 571 14.39 -22.57 15.35
CA GLU A 571 14.36 -22.12 13.97
C GLU A 571 13.99 -20.65 13.85
N ASP A 572 12.84 -20.25 14.42
CA ASP A 572 12.38 -18.87 14.25
C ASP A 572 11.74 -18.30 15.52
N TYR A 573 12.09 -18.83 16.69
CA TYR A 573 11.53 -18.33 17.95
C TYR A 573 12.07 -16.93 18.19
N LEU A 574 11.17 -15.94 18.22
CA LEU A 574 11.59 -14.55 18.28
C LEU A 574 11.79 -14.09 19.72
N TYR A 575 12.97 -13.55 20.00
CA TYR A 575 13.33 -12.98 21.30
C TYR A 575 13.07 -13.96 22.44
N ARG A 576 13.80 -15.08 22.41
CA ARG A 576 13.73 -16.03 23.51
C ARG A 576 14.10 -15.36 24.83
N GLU A 577 15.26 -14.70 24.87
CA GLU A 577 15.76 -14.10 26.10
C GLU A 577 14.86 -12.95 26.56
N GLU A 578 14.38 -12.13 25.63
CA GLU A 578 13.58 -10.97 26.01
C GLU A 578 12.29 -11.38 26.71
N LEU A 579 11.52 -12.28 26.08
CA LEU A 579 10.28 -12.71 26.71
C LEU A 579 10.55 -13.59 27.92
N ALA A 580 11.69 -14.29 27.95
CA ALA A 580 12.05 -15.04 29.15
C ALA A 580 12.21 -14.11 30.35
N ARG A 581 12.97 -13.03 30.18
CA ARG A 581 13.11 -12.06 31.26
C ARG A 581 11.80 -11.34 31.55
N PHE A 582 10.97 -11.12 30.54
CA PHE A 582 9.67 -10.48 30.76
C PHE A 582 8.78 -11.35 31.63
N HIS A 583 8.74 -12.66 31.37
CA HIS A 583 7.94 -13.55 32.20
C HIS A 583 8.55 -13.70 33.59
N LYS A 584 9.88 -13.80 33.68
CA LYS A 584 10.52 -13.97 34.98
C LYS A 584 10.38 -12.74 35.86
N ASP A 585 10.14 -11.57 35.28
CA ASP A 585 9.97 -10.34 36.04
C ASP A 585 8.51 -10.01 36.32
N GLY A 586 7.57 -10.80 35.79
CA GLY A 586 6.16 -10.57 36.01
C GLY A 586 5.51 -9.58 35.07
N ALA A 587 6.27 -8.97 34.16
CA ALA A 587 5.67 -8.05 33.19
C ALA A 587 4.68 -8.77 32.29
N LEU A 588 5.10 -9.88 31.71
CA LEU A 588 4.22 -10.75 30.94
C LEU A 588 3.71 -11.84 31.88
N THR A 589 2.42 -11.77 32.22
CA THR A 589 1.89 -12.65 33.25
C THR A 589 1.95 -14.11 32.82
N GLN A 590 1.53 -14.40 31.59
CA GLN A 590 1.63 -15.74 31.04
C GLN A 590 2.05 -15.66 29.58
N LEU A 591 3.18 -16.28 29.24
CA LEU A 591 3.54 -16.46 27.85
C LEU A 591 2.96 -17.78 27.34
N ASN A 592 2.48 -17.75 26.09
CA ASN A 592 1.89 -18.94 25.48
C ASN A 592 2.36 -18.98 24.03
N VAL A 593 3.20 -19.95 23.70
CA VAL A 593 3.82 -20.06 22.39
C VAL A 593 3.34 -21.34 21.73
N ALA A 594 2.87 -21.24 20.50
CA ALA A 594 2.32 -22.38 19.76
C ALA A 594 3.31 -22.77 18.68
N PHE A 595 4.09 -23.82 18.96
CA PHE A 595 5.01 -24.36 17.97
C PHE A 595 4.22 -24.95 16.80
N SER A 596 4.75 -24.79 15.59
CA SER A 596 4.01 -25.15 14.39
C SER A 596 4.58 -26.33 13.62
N ARG A 597 5.81 -26.76 13.91
CA ARG A 597 6.43 -27.83 13.14
C ARG A 597 7.13 -28.90 13.97
N GLU A 598 7.36 -28.68 15.28
CA GLU A 598 8.12 -29.65 16.06
C GLU A 598 7.33 -30.93 16.28
N GLN A 599 6.06 -30.81 16.67
CA GLN A 599 5.26 -31.99 16.95
C GLN A 599 4.73 -32.60 15.64
N ALA A 600 4.16 -33.80 15.77
CA ALA A 600 3.68 -34.51 14.58
C ALA A 600 2.56 -33.75 13.88
N HIS A 601 1.62 -33.20 14.64
CA HIS A 601 0.54 -32.42 14.08
C HIS A 601 0.93 -30.95 14.05
N LYS A 602 -0.03 -30.06 13.80
CA LYS A 602 0.20 -28.63 13.83
C LYS A 602 -0.74 -28.02 14.86
N VAL A 603 -0.16 -27.32 15.83
CA VAL A 603 -0.93 -26.58 16.84
C VAL A 603 -0.67 -25.09 16.65
N TYR A 604 -1.74 -24.34 16.44
CA TYR A 604 -1.66 -22.91 16.15
C TYR A 604 -2.14 -22.11 17.36
N VAL A 605 -2.21 -20.79 17.18
CA VAL A 605 -2.55 -19.90 18.28
C VAL A 605 -4.00 -20.07 18.70
N GLN A 606 -4.90 -20.25 17.73
CA GLN A 606 -6.31 -20.41 18.05
C GLN A 606 -6.55 -21.63 18.92
N HIS A 607 -5.72 -22.67 18.79
CA HIS A 607 -5.81 -23.81 19.68
C HIS A 607 -5.54 -23.41 21.12
N LEU A 608 -4.52 -22.57 21.33
CA LEU A 608 -4.23 -22.08 22.68
C LEU A 608 -5.35 -21.19 23.20
N LEU A 609 -5.94 -20.37 22.33
CA LEU A 609 -7.08 -19.57 22.74
C LEU A 609 -8.24 -20.45 23.19
N LYS A 610 -8.55 -21.49 22.41
CA LYS A 610 -9.62 -22.41 22.79
C LYS A 610 -9.30 -23.13 24.09
N ARG A 611 -8.02 -23.47 24.30
CA ARG A 611 -7.65 -24.22 25.51
C ARG A 611 -7.67 -23.33 26.75
N ASP A 612 -7.40 -22.03 26.60
CA ASP A 612 -7.51 -21.08 27.71
C ASP A 612 -8.88 -20.41 27.80
N ARG A 613 -9.83 -20.82 26.95
CA ARG A 613 -11.21 -20.31 26.98
C ARG A 613 -11.78 -20.11 28.38
N GLU A 614 -11.48 -21.01 29.33
CA GLU A 614 -12.09 -20.92 30.65
C GLU A 614 -11.66 -19.66 31.38
N HIS A 615 -10.37 -19.30 31.28
CA HIS A 615 -9.90 -18.06 31.86
C HIS A 615 -10.28 -16.86 31.00
N LEU A 616 -10.25 -17.05 29.67
CA LEU A 616 -10.48 -15.92 28.76
C LEU A 616 -11.90 -15.39 28.87
N TRP A 617 -12.90 -16.27 28.98
CA TRP A 617 -14.28 -15.84 29.09
C TRP A 617 -14.49 -15.00 30.34
N LYS A 618 -13.99 -15.48 31.47
CA LYS A 618 -14.12 -14.73 32.72
C LYS A 618 -13.39 -13.40 32.63
N LEU A 619 -12.21 -13.39 32.00
CA LEU A 619 -11.45 -12.16 31.87
C LEU A 619 -12.23 -11.14 31.06
N ILE A 620 -12.79 -11.55 29.92
CA ILE A 620 -13.56 -10.65 29.08
C ILE A 620 -14.80 -10.15 29.81
N HIS A 621 -15.50 -11.04 30.52
CA HIS A 621 -16.73 -10.65 31.19
C HIS A 621 -16.46 -9.66 32.32
N GLU A 622 -15.52 -9.97 33.20
CA GLU A 622 -15.35 -9.16 34.41
C GLU A 622 -14.33 -8.05 34.23
N GLY A 623 -13.11 -8.40 33.79
CA GLY A 623 -12.07 -7.39 33.70
C GLY A 623 -12.18 -6.44 32.54
N GLY A 624 -13.08 -6.71 31.59
CA GLY A 624 -13.16 -5.88 30.40
C GLY A 624 -11.90 -5.93 29.56
N ALA A 625 -11.34 -7.12 29.38
CA ALA A 625 -10.05 -7.26 28.70
C ALA A 625 -10.15 -6.84 27.25
N HIS A 626 -9.10 -6.20 26.77
CA HIS A 626 -8.99 -5.78 25.38
C HIS A 626 -8.28 -6.87 24.57
N ILE A 627 -8.71 -7.06 23.33
CA ILE A 627 -8.16 -8.07 22.45
C ILE A 627 -7.38 -7.38 21.35
N TYR A 628 -6.15 -7.84 21.12
CA TYR A 628 -5.31 -7.32 20.06
C TYR A 628 -4.84 -8.46 19.18
N VAL A 629 -5.02 -8.31 17.87
CA VAL A 629 -4.60 -9.31 16.89
C VAL A 629 -3.86 -8.60 15.77
N CYS A 630 -2.72 -9.16 15.36
CA CYS A 630 -1.99 -8.61 14.23
C CYS A 630 -1.10 -9.69 13.65
N GLY A 631 -0.88 -9.61 12.35
CA GLY A 631 -0.12 -10.61 11.62
C GLY A 631 -0.64 -10.71 10.19
N ASP A 632 -0.59 -11.92 9.64
CA ASP A 632 -1.15 -12.16 8.31
C ASP A 632 -2.66 -12.33 8.40
N ALA A 633 -3.36 -11.80 7.40
CA ALA A 633 -4.82 -11.77 7.39
C ALA A 633 -5.43 -12.85 6.51
N ARG A 634 -4.62 -13.70 5.89
CA ARG A 634 -5.16 -14.69 4.97
C ARG A 634 -6.04 -15.70 5.70
N ASN A 635 -5.54 -16.26 6.80
CA ASN A 635 -6.31 -17.25 7.54
C ASN A 635 -6.34 -16.93 9.03
N MET A 636 -5.29 -16.30 9.55
CA MET A 636 -5.12 -16.17 10.99
C MET A 636 -6.23 -15.36 11.62
N ALA A 637 -6.52 -14.18 11.07
CA ALA A 637 -7.54 -13.31 11.67
C ALA A 637 -8.91 -13.98 11.63
N LYS A 638 -9.24 -14.64 10.52
CA LYS A 638 -10.55 -15.27 10.40
C LYS A 638 -10.70 -16.40 11.42
N ASP A 639 -9.67 -17.24 11.60
CA ASP A 639 -9.80 -18.34 12.53
C ASP A 639 -9.79 -17.85 13.98
N VAL A 640 -9.03 -16.78 14.27
CA VAL A 640 -9.07 -16.20 15.60
C VAL A 640 -10.47 -15.66 15.88
N GLN A 641 -11.08 -14.98 14.90
CA GLN A 641 -12.45 -14.52 15.05
C GLN A 641 -13.42 -15.67 15.29
N ASN A 642 -13.27 -16.77 14.54
CA ASN A 642 -14.16 -17.90 14.72
C ASN A 642 -14.00 -18.53 16.09
N THR A 643 -12.75 -18.66 16.55
CA THR A 643 -12.51 -19.22 17.89
C THR A 643 -13.12 -18.31 18.96
N PHE A 644 -12.97 -17.00 18.81
CA PHE A 644 -13.58 -16.09 19.78
C PHE A 644 -15.10 -16.20 19.76
N TYR A 645 -15.69 -16.33 18.57
CA TYR A 645 -17.12 -16.57 18.46
C TYR A 645 -17.53 -17.81 19.24
N ASP A 646 -16.80 -18.91 19.02
CA ASP A 646 -17.14 -20.17 19.69
C ASP A 646 -17.02 -20.03 21.20
N ILE A 647 -15.97 -19.36 21.68
CA ILE A 647 -15.76 -19.24 23.11
C ILE A 647 -16.83 -18.35 23.75
N VAL A 648 -17.16 -17.23 23.10
CA VAL A 648 -18.15 -16.32 23.67
C VAL A 648 -19.57 -16.86 23.52
N ALA A 649 -19.79 -17.82 22.63
CA ALA A 649 -21.13 -18.38 22.47
C ALA A 649 -21.35 -19.61 23.35
N GLU A 650 -20.36 -20.51 23.43
CA GLU A 650 -20.52 -21.72 24.22
C GLU A 650 -20.57 -21.42 25.71
N PHE A 651 -19.83 -20.40 26.16
CA PHE A 651 -19.80 -20.02 27.56
C PHE A 651 -20.81 -18.94 27.91
N GLY A 652 -21.72 -18.61 26.99
CA GLY A 652 -22.77 -17.65 27.27
C GLY A 652 -23.78 -18.17 28.26
N PRO A 653 -24.59 -19.16 27.84
CA PRO A 653 -24.73 -19.72 26.49
C PRO A 653 -25.37 -18.70 25.54
N MET A 654 -24.96 -18.68 24.28
CA MET A 654 -25.40 -17.63 23.37
C MET A 654 -25.39 -18.18 21.95
N GLU A 655 -26.29 -17.66 21.12
CA GLU A 655 -26.40 -18.14 19.75
C GLU A 655 -25.32 -17.51 18.87
N HIS A 656 -25.18 -18.05 17.66
CA HIS A 656 -24.15 -17.57 16.74
C HIS A 656 -24.38 -16.11 16.38
N THR A 657 -25.60 -15.76 15.98
CA THR A 657 -25.89 -14.38 15.59
C THR A 657 -25.69 -13.42 16.76
N GLN A 658 -26.17 -13.81 17.95
CA GLN A 658 -25.99 -12.97 19.12
C GLN A 658 -24.52 -12.82 19.49
N ALA A 659 -23.74 -13.90 19.36
CA ALA A 659 -22.31 -13.81 19.63
C ALA A 659 -21.61 -12.89 18.65
N VAL A 660 -21.98 -12.98 17.37
CA VAL A 660 -21.40 -12.08 16.37
C VAL A 660 -21.76 -10.63 16.68
N ASP A 661 -23.01 -10.39 17.07
CA ASP A 661 -23.40 -9.03 17.44
C ASP A 661 -22.63 -8.54 18.66
N TYR A 662 -22.41 -9.42 19.63
CA TYR A 662 -21.62 -9.04 20.81
C TYR A 662 -20.19 -8.69 20.42
N VAL A 663 -19.59 -9.46 19.51
CA VAL A 663 -18.22 -9.17 19.09
C VAL A 663 -18.15 -7.85 18.33
N LYS A 664 -19.12 -7.60 17.45
CA LYS A 664 -19.16 -6.31 16.76
C LYS A 664 -19.34 -5.16 17.73
N LYS A 665 -20.18 -5.33 18.75
CA LYS A 665 -20.33 -4.32 19.79
C LYS A 665 -19.02 -4.13 20.54
N LEU A 666 -18.25 -5.21 20.74
CA LEU A 666 -16.94 -5.10 21.36
C LEU A 666 -16.00 -4.25 20.50
N MET A 667 -16.00 -4.48 19.18
CA MET A 667 -15.17 -3.67 18.30
C MET A 667 -15.60 -2.21 18.31
N THR A 668 -16.91 -1.96 18.36
CA THR A 668 -17.40 -0.58 18.34
C THR A 668 -16.87 0.22 19.53
N LYS A 669 -16.61 -0.45 20.65
CA LYS A 669 -16.06 0.21 21.83
C LYS A 669 -14.53 0.26 21.83
N GLY A 670 -13.89 -0.37 20.85
CA GLY A 670 -12.45 -0.37 20.78
C GLY A 670 -11.75 -1.41 21.61
N ARG A 671 -12.50 -2.31 22.26
CA ARG A 671 -11.89 -3.38 23.04
C ARG A 671 -11.41 -4.53 22.17
N TYR A 672 -11.72 -4.52 20.87
CA TYR A 672 -11.21 -5.49 19.91
C TYR A 672 -10.53 -4.72 18.79
N SER A 673 -9.26 -5.04 18.53
CA SER A 673 -8.46 -4.30 17.57
C SER A 673 -7.78 -5.25 16.60
N LEU A 674 -7.54 -4.77 15.39
CA LEU A 674 -6.87 -5.54 14.35
C LEU A 674 -5.79 -4.68 13.70
N ASP A 675 -4.61 -5.27 13.51
CA ASP A 675 -3.48 -4.64 12.82
C ASP A 675 -2.88 -5.62 11.83
N VAL A 676 -3.74 -6.29 11.07
CA VAL A 676 -3.31 -7.34 10.15
C VAL A 676 -2.75 -6.74 8.88
N TRP A 677 -2.01 -7.56 8.12
CA TRP A 677 -1.44 -7.15 6.84
C TRP A 677 -1.16 -8.40 6.04
N SER A 678 -1.32 -8.32 4.72
CA SER A 678 -1.10 -9.47 3.86
C SER A 678 -0.61 -9.03 2.48
#